data_6E5K
#
_entry.id   6E5K
#
_entity_poly.entity_id   1
_entity_poly.type   'polypeptide(L)'
_entity_poly.pdbx_seq_one_letter_code
;ND(AIB)CK(AIB)LK(AIB)RY(AIB)GCE(MVA)RCD(DPR)PRYE(MVA)HC(NH2)
;
_entity_poly.pdbx_strand_id   A
#
loop_
_chem_comp.id
_chem_comp.type
_chem_comp.name
_chem_comp.formula
NH2 non-polymer 'AMINO GROUP' 'H2 N'
#
# COMPACT_ATOMS: atom_id res chain seq x y z
N ASN A 1 4.97 -6.25 -12.11
CA ASN A 1 4.03 -5.59 -11.18
C ASN A 1 4.08 -6.27 -9.82
N ASP A 2 3.46 -5.65 -8.82
CA ASP A 2 3.44 -6.17 -7.47
C ASP A 2 2.31 -5.52 -6.69
N AIB A 3 1.57 -6.33 -5.94
CA AIB A 3 0.41 -5.86 -5.17
C AIB A 3 0.79 -4.67 -4.28
O AIB A 3 0.15 -3.61 -4.33
CB1 AIB A 3 -0.12 -6.99 -4.29
CB2 AIB A 3 -0.71 -5.47 -6.12
H AIB A 3 1.81 -7.29 -5.89
HB11 AIB A 3 -1.01 -6.65 -3.78
HB12 AIB A 3 0.64 -7.27 -3.57
HB13 AIB A 3 -0.36 -7.84 -4.90
HB21 AIB A 3 -0.37 -4.69 -6.77
HB22 AIB A 3 -1.55 -5.12 -5.55
HB23 AIB A 3 -1.00 -6.33 -6.70
N CYS A 4 1.85 -4.83 -3.49
CA CYS A 4 2.28 -3.81 -2.56
C CYS A 4 2.77 -2.58 -3.30
N LYS A 5 3.36 -2.80 -4.47
CA LYS A 5 3.82 -1.70 -5.31
C LYS A 5 2.64 -0.87 -5.79
N AIB A 6 1.60 -1.55 -6.26
CA AIB A 6 0.38 -0.91 -6.75
C AIB A 6 -0.23 -0.07 -5.62
O AIB A 6 -0.57 1.10 -5.82
CB1 AIB A 6 -0.62 -1.97 -7.19
CB2 AIB A 6 0.69 -0.05 -7.96
H AIB A 6 1.66 -2.53 -6.28
HB11 AIB A 6 -1.51 -1.49 -7.56
HB12 AIB A 6 -0.86 -2.60 -6.35
HB13 AIB A 6 -0.18 -2.57 -7.97
HB21 AIB A 6 1.38 0.73 -7.68
HB22 AIB A 6 -0.23 0.40 -8.33
HB23 AIB A 6 1.12 -0.66 -8.74
N LEU A 7 -0.34 -0.67 -4.45
CA LEU A 7 -0.92 -0.01 -3.29
C LEU A 7 -0.06 1.18 -2.88
N LYS A 8 1.25 0.98 -2.88
CA LYS A 8 2.19 2.02 -2.51
C LYS A 8 2.01 3.24 -3.40
N AIB A 9 2.02 3.02 -4.70
CA AIB A 9 1.85 4.08 -5.69
C AIB A 9 0.48 4.75 -5.51
O AIB A 9 0.35 5.96 -5.66
CB1 AIB A 9 1.95 3.50 -7.09
CB2 AIB A 9 2.95 5.12 -5.56
H AIB A 9 2.13 2.10 -5.02
HB11 AIB A 9 1.86 4.29 -7.82
HB12 AIB A 9 1.15 2.79 -7.24
HB13 AIB A 9 2.90 3.01 -7.21
HB21 AIB A 9 3.91 4.64 -5.69
HB22 AIB A 9 2.91 5.55 -4.57
HB23 AIB A 9 2.83 5.89 -6.30
N ARG A 10 -0.53 3.95 -5.19
CA ARG A 10 -1.89 4.46 -5.02
C ARG A 10 -1.96 5.36 -3.79
N TYR A 11 -1.35 4.93 -2.71
CA TYR A 11 -1.44 5.62 -1.43
C TYR A 11 -0.21 6.49 -1.19
N AIB A 12 0.32 7.06 -2.27
CA AIB A 12 1.50 7.94 -2.20
C AIB A 12 1.26 9.10 -1.24
O AIB A 12 2.18 9.56 -0.55
CB1 AIB A 12 1.79 8.49 -3.59
CB2 AIB A 12 2.72 7.15 -1.77
H AIB A 12 -0.09 6.89 -3.14
HB11 AIB A 12 0.94 9.06 -3.93
HB12 AIB A 12 1.98 7.67 -4.27
HB13 AIB A 12 2.66 9.12 -3.54
HB21 AIB A 12 2.88 6.32 -2.45
HB22 AIB A 12 2.56 6.76 -0.77
HB23 AIB A 12 3.58 7.79 -1.77
N GLY A 13 0.01 9.57 -1.18
CA GLY A 13 -0.32 10.69 -0.31
C GLY A 13 -0.52 10.24 1.13
N CYS A 14 -0.39 8.94 1.35
CA CYS A 14 -0.55 8.36 2.68
C CYS A 14 0.61 7.41 2.94
N GLU A 15 0.48 6.58 3.97
CA GLU A 15 1.45 5.53 4.21
C GLU A 15 0.76 4.17 4.18
N MVA A 16 1.28 3.21 3.41
CN MVA A 16 2.52 3.48 2.64
CA MVA A 16 0.64 1.88 3.34
CB MVA A 16 -0.07 1.59 1.97
CG1 MVA A 16 0.91 1.46 0.81
CG2 MVA A 16 -0.92 0.34 2.07
C MVA A 16 1.61 0.75 3.68
O MVA A 16 2.60 0.48 2.97
HN1 MVA A 16 2.89 2.56 2.21
HN2 MVA A 16 3.28 3.87 3.32
HN3 MVA A 16 2.32 4.19 1.86
HA MVA A 16 -0.14 1.84 4.09
HB MVA A 16 -0.72 2.42 1.76
HG11 MVA A 16 1.64 0.70 1.04
HG12 MVA A 16 1.40 2.41 0.64
HG13 MVA A 16 0.37 1.17 -0.08
HG21 MVA A 16 -0.30 -0.50 2.39
HG22 MVA A 16 -1.35 0.11 1.11
HG23 MVA A 16 -1.71 0.49 2.80
N ARG A 17 1.33 0.09 4.78
CA ARG A 17 2.10 -1.04 5.25
C ARG A 17 1.47 -2.33 4.72
N CYS A 18 2.06 -2.89 3.68
CA CYS A 18 1.56 -4.13 3.10
C CYS A 18 2.06 -5.32 3.89
N ASP A 19 1.15 -6.21 4.28
CA ASP A 19 1.51 -7.39 5.04
C ASP A 19 0.79 -8.61 4.50
N DPR A 20 1.44 -9.35 3.58
CA DPR A 20 0.84 -10.50 2.92
CB DPR A 20 1.89 -10.94 1.90
CG DPR A 20 3.18 -10.39 2.43
CD DPR A 20 2.83 -9.11 3.13
C DPR A 20 -0.47 -10.15 2.22
O DPR A 20 -0.49 -9.33 1.30
HA DPR A 20 0.67 -11.31 3.63
HB2 DPR A 20 1.92 -12.02 1.85
HB3 DPR A 20 1.66 -10.53 0.94
HG2 DPR A 20 3.63 -11.09 3.12
HG3 DPR A 20 3.85 -10.19 1.61
HD2 DPR A 20 3.48 -8.96 3.97
HD3 DPR A 20 2.87 -8.28 2.45
N PRO A 21 -1.58 -10.74 2.67
CA PRO A 21 -2.90 -10.47 2.10
C PRO A 21 -3.54 -9.19 2.64
N ARG A 22 -2.89 -8.59 3.63
CA ARG A 22 -3.43 -7.40 4.26
C ARG A 22 -2.64 -6.16 3.87
N TYR A 23 -3.22 -5.01 4.12
CA TYR A 23 -2.53 -3.75 3.96
C TYR A 23 -3.11 -2.73 4.93
N GLU A 24 -2.25 -1.92 5.50
CA GLU A 24 -2.67 -0.89 6.42
C GLU A 24 -2.33 0.47 5.84
N MVA A 25 -3.24 1.44 5.90
CN MVA A 25 -4.50 1.22 6.65
CA MVA A 25 -2.96 2.75 5.25
CB MVA A 25 -3.55 2.84 3.82
CG1 MVA A 25 -5.03 2.48 3.76
CG2 MVA A 25 -3.32 4.24 3.25
C MVA A 25 -3.40 3.93 6.09
O MVA A 25 -4.58 4.16 6.36
HN1 MVA A 25 -4.98 2.17 6.82
HN2 MVA A 25 -4.27 0.76 7.59
HN3 MVA A 25 -5.15 0.58 6.08
HA MVA A 25 -1.89 2.83 5.14
HB MVA A 25 -3.02 2.14 3.18
HG11 MVA A 25 -5.15 1.43 3.99
HG12 MVA A 25 -5.41 2.69 2.77
HG13 MVA A 25 -5.57 3.08 4.48
HG21 MVA A 25 -3.78 4.97 3.90
HG22 MVA A 25 -3.77 4.30 2.27
HG23 MVA A 25 -2.27 4.43 3.18
N HIS A 26 -2.40 4.70 6.52
CA HIS A 26 -2.63 5.86 7.36
C HIS A 26 -2.54 7.13 6.52
N CYS A 27 -3.57 7.94 6.58
CA CYS A 27 -3.58 9.20 5.86
C CYS A 27 -3.65 10.36 6.84
N NH2 A 28 -2.50 10.73 7.39
HN1 NH2 A 28 -1.68 10.26 7.11
HN2 NH2 A 28 -2.51 11.46 8.03
N ASN A 1 3.99 -6.06 -12.03
CA ASN A 1 3.70 -5.09 -10.96
C ASN A 1 3.39 -5.81 -9.66
N ASP A 2 4.04 -5.41 -8.59
CA ASP A 2 3.84 -6.04 -7.29
C ASP A 2 2.66 -5.42 -6.56
N AIB A 3 1.94 -6.25 -5.80
CA AIB A 3 0.76 -5.80 -5.04
C AIB A 3 1.12 -4.58 -4.18
O AIB A 3 0.40 -3.57 -4.16
CB1 AIB A 3 0.27 -6.92 -4.14
CB2 AIB A 3 -0.37 -5.46 -5.99
H AIB A 3 2.20 -7.18 -5.73
HB11 AIB A 3 0.04 -7.79 -4.73
HB12 AIB A 3 -0.61 -6.60 -3.60
HB13 AIB A 3 1.05 -7.17 -3.42
HB21 AIB A 3 -0.65 -6.35 -6.55
HB22 AIB A 3 -0.05 -4.69 -6.67
HB23 AIB A 3 -1.23 -5.12 -5.43
N CYS A 4 2.26 -4.67 -3.50
CA CYS A 4 2.69 -3.61 -2.60
C CYS A 4 3.05 -2.35 -3.38
N LYS A 5 3.55 -2.53 -4.59
CA LYS A 5 3.90 -1.40 -5.43
C LYS A 5 2.63 -0.70 -5.90
N AIB A 6 1.64 -1.50 -6.29
CA AIB A 6 0.34 -0.99 -6.72
C AIB A 6 -0.26 -0.14 -5.60
O AIB A 6 -0.69 1.01 -5.82
CB1 AIB A 6 -0.60 -2.13 -7.02
CB2 AIB A 6 0.48 -0.17 -7.99
H AIB A 6 1.79 -2.47 -6.30
HB11 AIB A 6 -0.17 -2.76 -7.80
HB12 AIB A 6 -1.55 -1.75 -7.36
HB13 AIB A 6 -0.74 -2.73 -6.14
HB21 AIB A 6 -0.49 0.20 -8.29
HB22 AIB A 6 0.88 -0.79 -8.78
HB23 AIB A 6 1.14 0.66 -7.82
N LEU A 7 -0.25 -0.70 -4.38
CA LEU A 7 -0.80 -0.01 -3.21
C LEU A 7 -0.02 1.26 -2.94
N LYS A 8 1.30 1.17 -2.94
CA LYS A 8 2.14 2.30 -2.63
C LYS A 8 1.92 3.45 -3.61
N AIB A 9 1.89 3.11 -4.90
CA AIB A 9 1.63 4.07 -5.97
C AIB A 9 0.25 4.71 -5.76
O AIB A 9 0.06 5.91 -5.95
CB1 AIB A 9 1.67 3.38 -7.31
CB2 AIB A 9 2.71 5.14 -5.99
H AIB A 9 2.04 2.16 -5.14
HB11 AIB A 9 1.51 4.10 -8.10
HB12 AIB A 9 0.90 2.63 -7.34
HB13 AIB A 9 2.63 2.92 -7.45
HB21 AIB A 9 2.50 5.86 -6.75
HB22 AIB A 9 3.67 4.68 -6.18
HB23 AIB A 9 2.74 5.64 -5.02
N ARG A 10 -0.71 3.88 -5.38
CA ARG A 10 -2.08 4.31 -5.19
C ARG A 10 -2.20 5.26 -4.00
N TYR A 11 -1.49 4.95 -2.93
CA TYR A 11 -1.55 5.73 -1.71
C TYR A 11 -0.35 6.66 -1.59
N AIB A 12 -0.08 7.39 -2.67
CA AIB A 12 1.06 8.32 -2.75
C AIB A 12 1.07 9.31 -1.57
O AIB A 12 2.13 9.68 -1.08
CB1 AIB A 12 0.98 9.10 -4.05
CB2 AIB A 12 2.37 7.55 -2.77
H AIB A 12 -0.66 7.29 -3.45
HB11 AIB A 12 0.07 9.67 -4.06
HB12 AIB A 12 0.99 8.41 -4.88
HB13 AIB A 12 1.83 9.77 -4.12
HB21 AIB A 12 2.35 6.85 -3.60
HB22 AIB A 12 2.49 7.01 -1.85
HB23 AIB A 12 3.19 8.24 -2.90
N GLY A 13 -0.11 9.72 -1.13
CA GLY A 13 -0.19 10.69 -0.06
C GLY A 13 -0.43 10.07 1.29
N CYS A 14 -0.29 8.75 1.38
CA CYS A 14 -0.54 8.04 2.62
C CYS A 14 0.55 7.00 2.86
N GLU A 15 0.60 6.47 4.06
CA GLU A 15 1.53 5.41 4.40
C GLU A 15 0.82 4.06 4.32
N MVA A 16 1.38 3.07 3.60
CN MVA A 16 2.72 3.30 2.98
CA MVA A 16 0.70 1.78 3.45
CB MVA A 16 -0.03 1.64 2.06
CG1 MVA A 16 0.94 1.61 0.89
CG2 MVA A 16 -0.90 0.40 2.06
C MVA A 16 1.62 0.57 3.67
O MVA A 16 2.63 0.36 2.98
HN1 MVA A 16 2.62 3.99 2.17
HN2 MVA A 16 3.10 2.36 2.62
HN3 MVA A 16 3.39 3.71 3.72
HA MVA A 16 -0.08 1.71 4.20
HB MVA A 16 -0.67 2.49 1.93
HG11 MVA A 16 1.64 0.79 1.02
HG12 MVA A 16 1.48 2.54 0.85
HG13 MVA A 16 0.39 1.47 -0.03
HG21 MVA A 16 -1.64 0.47 2.83
HG22 MVA A 16 -0.29 -0.48 2.24
HG23 MVA A 16 -1.38 0.30 1.10
N ARG A 17 1.26 -0.23 4.66
CA ARG A 17 1.97 -1.44 5.01
C ARG A 17 1.21 -2.64 4.47
N CYS A 18 1.82 -3.36 3.55
CA CYS A 18 1.16 -4.48 2.90
C CYS A 18 1.48 -5.81 3.57
N ASP A 19 0.44 -6.51 4.00
CA ASP A 19 0.60 -7.84 4.58
C ASP A 19 -0.37 -8.82 3.94
N DPR A 20 0.00 -9.36 2.77
CA DPR A 20 -0.81 -10.37 2.06
CB DPR A 20 0.02 -10.70 0.82
CG DPR A 20 0.93 -9.54 0.64
CD DPR A 20 1.23 -9.05 2.03
C DPR A 20 -2.18 -9.81 1.67
O DPR A 20 -2.29 -8.88 0.87
HA DPR A 20 -0.94 -11.25 2.66
HB2 DPR A 20 0.56 -11.61 0.99
HB3 DPR A 20 -0.64 -10.82 -0.03
HG2 DPR A 20 1.84 -9.87 0.15
HG3 DPR A 20 0.44 -8.77 0.07
HD2 DPR A 20 2.08 -9.57 2.45
HD3 DPR A 20 1.42 -7.98 2.02
N PRO A 21 -3.25 -10.39 2.23
CA PRO A 21 -4.62 -9.97 1.95
C PRO A 21 -5.02 -8.67 2.62
N ARG A 22 -4.19 -8.18 3.54
CA ARG A 22 -4.52 -6.96 4.27
C ARG A 22 -3.44 -5.91 4.10
N TYR A 23 -3.78 -4.67 4.43
CA TYR A 23 -2.82 -3.58 4.39
C TYR A 23 -3.23 -2.48 5.36
N GLU A 24 -2.25 -1.85 5.96
CA GLU A 24 -2.47 -0.75 6.88
C GLU A 24 -2.22 0.57 6.15
N MVA A 25 -3.15 1.52 6.20
CN MVA A 25 -4.36 1.31 7.03
CA MVA A 25 -2.95 2.77 5.47
CB MVA A 25 -3.63 2.77 4.07
CG1 MVA A 25 -5.13 2.53 4.14
CG2 MVA A 25 -3.34 4.07 3.33
C MVA A 25 -3.38 4.01 6.25
O MVA A 25 -4.56 4.22 6.57
HN1 MVA A 25 -4.07 1.04 8.03
HN2 MVA A 25 -4.96 0.51 6.60
HN3 MVA A 25 -4.95 2.21 7.06
HA MVA A 25 -1.89 2.89 5.29
HB MVA A 25 -3.20 1.96 3.49
HG11 MVA A 25 -5.58 3.27 4.80
HG12 MVA A 25 -5.32 1.54 4.52
HG13 MVA A 25 -5.55 2.63 3.15
HG21 MVA A 25 -2.26 4.16 3.18
HG22 MVA A 25 -3.68 4.90 3.91
HG23 MVA A 25 -3.83 4.07 2.38
N HIS A 26 -2.40 4.84 6.58
CA HIS A 26 -2.64 6.07 7.32
C HIS A 26 -2.39 7.28 6.44
N CYS A 27 -3.43 8.07 6.23
CA CYS A 27 -3.31 9.28 5.44
C CYS A 27 -3.15 10.49 6.35
N NH2 A 28 -1.90 10.81 6.67
HN1 NH2 A 28 -1.16 10.28 6.28
HN2 NH2 A 28 -1.76 11.57 7.27
N ASN A 1 4.22 -5.68 -12.18
CA ASN A 1 3.53 -5.03 -11.04
C ASN A 1 3.51 -5.95 -9.84
N ASP A 2 3.33 -5.36 -8.67
CA ASP A 2 3.24 -6.11 -7.43
C ASP A 2 2.21 -5.48 -6.51
N AIB A 3 1.65 -6.29 -5.61
CA AIB A 3 0.63 -5.83 -4.66
C AIB A 3 1.14 -4.59 -3.91
O AIB A 3 0.49 -3.55 -3.88
CB1 AIB A 3 0.32 -6.93 -3.68
CB2 AIB A 3 -0.65 -5.49 -5.40
H AIB A 3 1.92 -7.23 -5.59
HB11 AIB A 3 -0.06 -7.79 -4.21
HB12 AIB A 3 -0.44 -6.59 -2.99
HB13 AIB A 3 1.21 -7.20 -3.15
HB21 AIB A 3 -1.40 -5.16 -4.69
HB22 AIB A 3 -1.01 -6.38 -5.91
HB23 AIB A 3 -0.47 -4.71 -6.12
N CYS A 4 2.33 -4.71 -3.32
CA CYS A 4 2.88 -3.63 -2.51
C CYS A 4 3.15 -2.40 -3.36
N LYS A 5 3.61 -2.62 -4.58
CA LYS A 5 3.90 -1.53 -5.51
C LYS A 5 2.62 -0.77 -5.84
N AIB A 6 1.59 -1.52 -6.20
CA AIB A 6 0.29 -0.97 -6.57
C AIB A 6 -0.26 -0.13 -5.41
O AIB A 6 -0.69 1.00 -5.60
CB1 AIB A 6 -0.68 -2.08 -6.90
CB2 AIB A 6 0.42 -0.11 -7.83
H AIB A 6 1.70 -2.50 -6.21
HB11 AIB A 6 -1.63 -1.67 -7.20
HB12 AIB A 6 -0.82 -2.69 -6.01
HB13 AIB A 6 -0.28 -2.70 -7.69
HB21 AIB A 6 0.76 -0.73 -8.64
HB22 AIB A 6 1.13 0.68 -7.65
HB23 AIB A 6 -0.54 0.32 -8.07
N LEU A 7 -0.21 -0.70 -4.22
CA LEU A 7 -0.74 -0.04 -3.04
C LEU A 7 0.05 1.21 -2.71
N LYS A 8 1.37 1.13 -2.84
CA LYS A 8 2.23 2.27 -2.55
C LYS A 8 1.92 3.43 -3.49
N AIB A 9 1.89 3.13 -4.79
CA AIB A 9 1.60 4.14 -5.82
C AIB A 9 0.19 4.71 -5.58
O AIB A 9 -0.04 5.91 -5.71
CB1 AIB A 9 1.65 3.49 -7.18
CB2 AIB A 9 2.63 5.25 -5.80
H AIB A 9 2.09 2.20 -5.07
HB11 AIB A 9 0.91 2.70 -7.24
HB12 AIB A 9 2.64 3.07 -7.35
HB13 AIB A 9 1.43 4.23 -7.94
HB21 AIB A 9 2.60 5.75 -4.85
HB22 AIB A 9 2.41 5.96 -6.59
HB23 AIB A 9 3.61 4.84 -5.97
N ARG A 10 -0.72 3.81 -5.22
CA ARG A 10 -2.13 4.16 -5.02
C ARG A 10 -2.29 5.12 -3.84
N TYR A 11 -1.54 4.88 -2.78
CA TYR A 11 -1.68 5.65 -1.56
C TYR A 11 -0.47 6.54 -1.34
N AIB A 12 -0.04 7.23 -2.40
CA AIB A 12 1.12 8.14 -2.37
C AIB A 12 0.96 9.20 -1.27
O AIB A 12 1.94 9.58 -0.62
CB1 AIB A 12 1.25 8.84 -3.72
CB2 AIB A 12 2.40 7.36 -2.15
H AIB A 12 -0.52 7.10 -3.25
HB11 AIB A 12 1.34 8.10 -4.50
HB12 AIB A 12 2.12 9.46 -3.71
HB13 AIB A 12 0.37 9.44 -3.89
HB21 AIB A 12 2.50 6.61 -2.92
HB22 AIB A 12 2.37 6.88 -1.18
HB23 AIB A 12 3.24 8.04 -2.19
N GLY A 13 -0.26 9.65 -1.06
CA GLY A 13 -0.50 10.68 -0.05
C GLY A 13 -0.65 10.12 1.35
N CYS A 14 -0.38 8.84 1.49
CA CYS A 14 -0.52 8.17 2.78
C CYS A 14 0.64 7.20 2.99
N GLU A 15 0.61 6.49 4.11
CA GLU A 15 1.61 5.45 4.39
C GLU A 15 0.96 4.08 4.35
N MVA A 16 1.18 3.31 3.27
CN MVA A 16 1.93 3.87 2.14
CA MVA A 16 0.64 1.93 3.19
CB MVA A 16 0.25 1.52 1.74
CG1 MVA A 16 1.40 0.84 1.00
CG2 MVA A 16 -0.96 0.60 1.75
C MVA A 16 1.63 0.91 3.76
O MVA A 16 2.86 1.08 3.65
HN1 MVA A 16 1.62 4.88 1.96
HN2 MVA A 16 1.76 3.27 1.26
HN3 MVA A 16 2.99 3.86 2.37
HA MVA A 16 -0.26 1.87 3.79
HB MVA A 16 -0.02 2.41 1.19
HG11 MVA A 16 1.13 0.70 -0.03
HG12 MVA A 16 1.60 -0.12 1.45
HG13 MVA A 16 2.29 1.46 1.06
HG21 MVA A 16 -1.22 0.32 0.75
HG22 MVA A 16 -1.79 1.11 2.21
HG23 MVA A 16 -0.72 -0.29 2.32
N ARG A 17 1.09 -0.12 4.37
CA ARG A 17 1.87 -1.26 4.85
C ARG A 17 1.25 -2.54 4.31
N CYS A 18 1.92 -3.20 3.39
CA CYS A 18 1.37 -4.41 2.81
C CYS A 18 1.72 -5.63 3.66
N ASP A 19 0.69 -6.32 4.10
CA ASP A 19 0.86 -7.51 4.95
C ASP A 19 0.04 -8.66 4.37
N DPR A 20 0.64 -9.43 3.45
CA DPR A 20 -0.07 -10.51 2.75
CB DPR A 20 0.98 -11.06 1.77
CG DPR A 20 2.29 -10.64 2.34
CD DPR A 20 2.04 -9.32 3.02
C DPR A 20 -1.29 -9.98 2.00
O DPR A 20 -1.18 -9.09 1.15
HA DPR A 20 -0.36 -11.29 3.43
HB2 DPR A 20 0.89 -12.13 1.72
HB3 DPR A 20 0.81 -10.62 0.80
HG2 DPR A 20 2.63 -11.37 3.05
HG3 DPR A 20 3.01 -10.52 1.54
HD2 DPR A 20 2.70 -9.21 3.87
HD3 DPR A 20 2.17 -8.51 2.33
N PRO A 21 -2.48 -10.52 2.31
CA PRO A 21 -3.73 -10.11 1.67
C PRO A 21 -4.31 -8.83 2.29
N ARG A 22 -3.70 -8.38 3.37
CA ARG A 22 -4.20 -7.22 4.11
C ARG A 22 -3.20 -6.09 4.03
N TYR A 23 -3.65 -4.86 4.20
CA TYR A 23 -2.74 -3.73 4.23
C TYR A 23 -3.26 -2.62 5.12
N GLU A 24 -2.34 -1.85 5.66
CA GLU A 24 -2.68 -0.66 6.42
C GLU A 24 -2.46 0.57 5.56
N MVA A 25 -3.26 1.62 5.74
CN MVA A 25 -4.38 1.53 6.71
CA MVA A 25 -3.02 2.88 5.02
CB MVA A 25 -3.78 2.95 3.66
CG1 MVA A 25 -5.26 2.65 3.81
CG2 MVA A 25 -3.58 4.32 3.03
C MVA A 25 -3.33 4.10 5.89
O MVA A 25 -4.48 4.49 6.07
HN1 MVA A 25 -4.01 1.19 7.66
HN2 MVA A 25 -5.11 0.83 6.33
HN3 MVA A 25 -4.84 2.51 6.82
HA MVA A 25 -1.96 2.93 4.78
HB MVA A 25 -3.36 2.21 3.00
HG11 MVA A 25 -5.75 2.77 2.85
HG12 MVA A 25 -5.70 3.33 4.53
HG13 MVA A 25 -5.39 1.64 4.16
HG21 MVA A 25 -3.92 5.08 3.70
HG22 MVA A 25 -4.13 4.37 2.11
HG23 MVA A 25 -2.53 4.47 2.82
N HIS A 26 -2.27 4.67 6.44
CA HIS A 26 -2.42 5.79 7.36
C HIS A 26 -2.17 7.10 6.65
N CYS A 27 -3.22 7.89 6.52
CA CYS A 27 -3.13 9.18 5.85
C CYS A 27 -3.02 10.29 6.88
N NH2 A 28 -1.80 10.57 7.32
HN1 NH2 A 28 -1.06 10.04 6.97
HN2 NH2 A 28 -1.71 11.28 7.99
N ASN A 1 4.84 -5.54 -11.52
CA ASN A 1 4.12 -4.74 -10.49
C ASN A 1 3.74 -5.64 -9.32
N ASP A 2 4.00 -5.19 -8.10
CA ASP A 2 3.71 -5.97 -6.91
C ASP A 2 2.57 -5.34 -6.14
N AIB A 3 1.96 -6.12 -5.24
CA AIB A 3 0.85 -5.63 -4.41
C AIB A 3 1.28 -4.35 -3.69
O AIB A 3 0.59 -3.33 -3.74
CB1 AIB A 3 0.46 -6.68 -3.38
CB2 AIB A 3 -0.37 -5.37 -5.27
H AIB A 3 2.26 -7.05 -5.13
HB11 AIB A 3 1.31 -6.89 -2.75
HB12 AIB A 3 0.17 -7.59 -3.89
HB13 AIB A 3 -0.36 -6.31 -2.79
HB21 AIB A 3 -1.17 -4.96 -4.67
HB22 AIB A 3 -0.71 -6.30 -5.72
HB23 AIB A 3 -0.12 -4.67 -6.05
N CYS A 4 2.45 -4.41 -3.05
CA CYS A 4 2.97 -3.26 -2.31
C CYS A 4 3.17 -2.06 -3.22
N LYS A 5 3.67 -2.31 -4.42
CA LYS A 5 3.93 -1.26 -5.39
C LYS A 5 2.63 -0.57 -5.77
N AIB A 6 1.65 -1.38 -6.13
CA AIB A 6 0.34 -0.90 -6.56
C AIB A 6 -0.30 -0.10 -5.43
O AIB A 6 -0.87 0.98 -5.66
CB1 AIB A 6 -0.55 -2.08 -6.89
CB2 AIB A 6 0.46 -0.07 -7.82
H AIB A 6 1.81 -2.36 -6.12
HB11 AIB A 6 -0.69 -2.69 -6.01
HB12 AIB A 6 -0.09 -2.68 -7.66
HB13 AIB A 6 -1.51 -1.73 -7.24
HB21 AIB A 6 0.85 -0.68 -8.62
HB22 AIB A 6 1.15 0.75 -7.63
HB23 AIB A 6 -0.51 0.33 -8.09
N LEU A 7 -0.21 -0.62 -4.21
CA LEU A 7 -0.82 0.03 -3.06
C LEU A 7 -0.16 1.37 -2.76
N LYS A 8 1.17 1.40 -2.76
CA LYS A 8 1.89 2.62 -2.44
C LYS A 8 1.64 3.69 -3.49
N AIB A 9 1.67 3.28 -4.76
CA AIB A 9 1.40 4.19 -5.89
C AIB A 9 -0.03 4.73 -5.78
O AIB A 9 -0.28 5.92 -5.95
CB1 AIB A 9 1.56 3.44 -7.20
CB2 AIB A 9 2.41 5.33 -5.89
H AIB A 9 1.89 2.34 -4.95
HB11 AIB A 9 2.55 3.00 -7.25
HB12 AIB A 9 1.43 4.12 -8.01
HB13 AIB A 9 0.82 2.65 -7.25
HB21 AIB A 9 3.40 4.94 -6.02
HB22 AIB A 9 2.35 5.87 -4.96
HB23 AIB A 9 2.17 6.01 -6.71
N ARG A 10 -0.95 3.82 -5.48
CA ARG A 10 -2.37 4.17 -5.36
C ARG A 10 -2.61 5.14 -4.21
N TYR A 11 -1.99 4.86 -3.08
CA TYR A 11 -2.15 5.67 -1.89
C TYR A 11 -1.07 6.74 -1.82
N AIB A 12 -0.98 7.51 -2.90
CA AIB A 12 -0.02 8.61 -3.00
C AIB A 12 -0.14 9.51 -1.77
O AIB A 12 -1.22 10.00 -1.43
CB1 AIB A 12 -0.32 9.43 -4.25
CB2 AIB A 12 1.39 8.07 -3.16
H AIB A 12 -1.57 7.32 -3.65
HB11 AIB A 12 -0.24 8.79 -5.12
HB12 AIB A 12 0.37 10.24 -4.32
HB13 AIB A 12 -1.33 9.81 -4.19
HB21 AIB A 12 1.44 7.44 -4.03
HB22 AIB A 12 1.65 7.49 -2.28
HB23 AIB A 12 2.08 8.88 -3.26
N GLY A 13 0.98 9.72 -1.08
CA GLY A 13 0.99 10.61 0.07
C GLY A 13 0.71 9.90 1.37
N CYS A 14 0.25 8.66 1.29
CA CYS A 14 -0.10 7.90 2.47
C CYS A 14 0.82 6.69 2.61
N GLU A 15 1.03 6.28 3.85
CA GLU A 15 1.85 5.12 4.13
C GLU A 15 0.99 3.87 4.13
N MVA A 16 1.50 2.74 3.61
CN MVA A 16 2.90 2.72 3.14
CA MVA A 16 0.67 1.53 3.54
CB MVA A 16 -0.11 1.43 2.20
CG1 MVA A 16 0.81 1.46 0.99
CG2 MVA A 16 -0.95 0.16 2.18
C MVA A 16 1.46 0.25 3.81
O MVA A 16 2.29 -0.20 3.00
HN1 MVA A 16 3.53 3.20 3.87
HN2 MVA A 16 2.98 3.23 2.20
HN3 MVA A 16 3.22 1.69 3.02
HA MVA A 16 -0.08 1.59 4.33
HB MVA A 16 -0.78 2.26 2.13
HG11 MVA A 16 1.32 2.41 0.96
HG12 MVA A 16 0.21 1.35 0.09
HG13 MVA A 16 1.52 0.65 1.05
HG21 MVA A 16 -0.31 -0.70 2.22
HG22 MVA A 16 -1.53 0.13 1.27
HG23 MVA A 16 -1.61 0.15 3.03
N ARG A 17 1.19 -0.34 4.96
CA ARG A 17 1.82 -1.59 5.36
C ARG A 17 1.14 -2.73 4.63
N CYS A 18 1.83 -3.26 3.63
CA CYS A 18 1.26 -4.29 2.78
C CYS A 18 1.52 -5.69 3.33
N ASP A 19 0.46 -6.48 3.38
CA ASP A 19 0.55 -7.89 3.74
C ASP A 19 -0.26 -8.72 2.75
N DPR A 20 0.28 -8.92 1.53
CA DPR A 20 -0.44 -9.61 0.45
CB DPR A 20 0.52 -9.54 -0.73
CG DPR A 20 1.86 -9.33 -0.12
CD DPR A 20 1.63 -8.51 1.12
C DPR A 20 -1.76 -8.91 0.12
O DPR A 20 -1.77 -7.76 -0.33
HA DPR A 20 -0.63 -10.64 0.70
HB2 DPR A 20 0.49 -10.47 -1.28
HB3 DPR A 20 0.25 -8.72 -1.38
HG2 DPR A 20 2.31 -10.28 0.15
HG3 DPR A 20 2.51 -8.79 -0.80
HD2 DPR A 20 2.35 -8.76 1.89
HD3 DPR A 20 1.66 -7.46 0.89
N PRO A 21 -2.89 -9.60 0.32
CA PRO A 21 -4.22 -9.05 0.07
C PRO A 21 -4.65 -8.03 1.12
N ARG A 22 -3.94 -8.01 2.24
CA ARG A 22 -4.26 -7.09 3.32
C ARG A 22 -3.28 -5.93 3.33
N TYR A 23 -3.71 -4.80 3.88
CA TYR A 23 -2.84 -3.64 4.00
C TYR A 23 -3.37 -2.67 5.04
N GLU A 24 -2.46 -1.89 5.60
CA GLU A 24 -2.83 -0.85 6.54
C GLU A 24 -2.40 0.51 5.98
N MVA A 25 -3.32 1.45 5.81
CN MVA A 25 -4.70 1.22 6.31
CA MVA A 25 -2.95 2.73 5.16
CB MVA A 25 -3.60 2.92 3.76
CG1 MVA A 25 -5.11 3.08 3.81
CG2 MVA A 25 -2.97 4.12 3.06
C MVA A 25 -3.24 3.94 6.05
O MVA A 25 -4.35 4.15 6.54
HN1 MVA A 25 -5.20 0.52 5.66
HN2 MVA A 25 -5.24 2.15 6.32
HN3 MVA A 25 -4.66 0.82 7.31
HA MVA A 25 -1.88 2.73 5.01
HB MVA A 25 -3.37 2.05 3.17
HG11 MVA A 25 -5.56 2.15 4.17
HG12 MVA A 25 -5.49 3.29 2.82
HG13 MVA A 25 -5.37 3.89 4.48
HG21 MVA A 25 -3.17 5.02 3.64
HG22 MVA A 25 -3.41 4.23 2.07
HG23 MVA A 25 -1.91 3.97 2.97
N HIS A 26 -2.22 4.76 6.26
CA HIS A 26 -2.32 5.95 7.08
C HIS A 26 -1.91 7.18 6.27
N CYS A 27 -2.83 8.10 6.13
CA CYS A 27 -2.56 9.34 5.40
C CYS A 27 -2.18 10.44 6.37
N NH2 A 28 -0.93 10.43 6.79
HN1 NH2 A 28 -0.34 9.72 6.48
HN2 NH2 A 28 -0.65 11.13 7.41
N ASN A 1 4.89 -7.97 -10.78
CA ASN A 1 4.29 -6.80 -10.12
C ASN A 1 4.35 -6.99 -8.60
N ASP A 2 4.24 -5.88 -7.87
CA ASP A 2 4.27 -5.92 -6.42
C ASP A 2 2.99 -5.31 -5.88
N AIB A 3 2.24 -6.10 -5.11
CA AIB A 3 0.99 -5.63 -4.49
C AIB A 3 1.25 -4.35 -3.68
O AIB A 3 0.51 -3.37 -3.78
CB1 AIB A 3 0.43 -6.71 -3.57
CB2 AIB A 3 -0.07 -5.38 -5.56
H AIB A 3 2.53 -7.02 -4.94
HB11 AIB A 3 -0.48 -6.37 -3.13
HB12 AIB A 3 1.16 -6.92 -2.79
HB13 AIB A 3 0.25 -7.61 -4.14
HB21 AIB A 3 0.29 -4.63 -6.24
HB22 AIB A 3 -0.98 -5.04 -5.09
HB23 AIB A 3 -0.25 -6.29 -6.10
N CYS A 4 2.32 -4.38 -2.90
CA CYS A 4 2.71 -3.25 -2.07
C CYS A 4 2.99 -2.01 -2.93
N LYS A 5 3.63 -2.25 -4.07
CA LYS A 5 3.98 -1.17 -4.99
C LYS A 5 2.71 -0.54 -5.57
N AIB A 6 1.80 -1.39 -6.02
CA AIB A 6 0.53 -0.93 -6.61
C AIB A 6 -0.21 -0.06 -5.59
O AIB A 6 -0.70 1.03 -5.92
CB1 AIB A 6 -0.32 -2.13 -6.99
CB2 AIB A 6 0.80 -0.16 -7.89
H AIB A 6 1.97 -2.36 -5.96
HB11 AIB A 6 -0.55 -2.70 -6.09
HB12 AIB A 6 0.24 -2.76 -7.67
HB13 AIB A 6 -1.23 -1.80 -7.46
HB21 AIB A 6 -0.13 0.19 -8.30
HB22 AIB A 6 1.29 -0.79 -8.61
HB23 AIB A 6 1.44 0.69 -7.67
N LEU A 7 -0.31 -0.57 -4.36
CA LEU A 7 -1.00 0.14 -3.30
C LEU A 7 -0.31 1.46 -3.00
N LYS A 8 1.02 1.44 -2.93
CA LYS A 8 1.80 2.63 -2.67
C LYS A 8 1.52 3.69 -3.74
N AIB A 9 1.58 3.26 -4.99
CA AIB A 9 1.35 4.14 -6.14
C AIB A 9 -0.07 4.72 -6.06
O AIB A 9 -0.32 5.85 -6.47
CB1 AIB A 9 1.48 3.35 -7.43
CB2 AIB A 9 2.38 5.24 -6.18
H AIB A 9 1.80 2.31 -5.17
HB11 AIB A 9 0.72 2.58 -7.45
HB12 AIB A 9 2.45 2.89 -7.47
HB13 AIB A 9 1.35 4.01 -8.27
HB21 AIB A 9 2.18 5.90 -7.01
HB22 AIB A 9 3.36 4.80 -6.30
HB23 AIB A 9 2.34 5.80 -5.26
N ARG A 10 -1.00 3.93 -5.53
CA ARG A 10 -2.38 4.38 -5.38
C ARG A 10 -2.51 5.43 -4.28
N TYR A 11 -1.94 5.13 -3.12
CA TYR A 11 -2.17 5.95 -1.93
C TYR A 11 -1.20 7.15 -1.86
N AIB A 12 -0.22 7.16 -2.76
CA AIB A 12 0.69 8.29 -2.94
C AIB A 12 1.40 8.66 -1.63
O AIB A 12 2.33 7.96 -1.21
CB1 AIB A 12 -0.11 9.48 -3.48
CB2 AIB A 12 1.73 7.95 -3.99
H AIB A 12 -0.08 6.35 -3.31
HB11 AIB A 12 -0.51 9.24 -4.45
HB12 AIB A 12 0.54 10.34 -3.56
HB13 AIB A 12 -0.91 9.70 -2.80
HB21 AIB A 12 1.23 7.69 -4.91
HB22 AIB A 12 2.32 7.11 -3.64
HB23 AIB A 12 2.36 8.80 -4.15
N GLY A 13 0.96 9.74 -1.00
CA GLY A 13 1.65 10.24 0.17
C GLY A 13 1.27 9.51 1.44
N CYS A 14 0.26 8.65 1.36
CA CYS A 14 -0.16 7.90 2.54
C CYS A 14 0.66 6.62 2.63
N GLU A 15 1.01 6.26 3.86
CA GLU A 15 1.83 5.07 4.10
C GLU A 15 0.98 3.82 4.04
N MVA A 16 1.47 2.74 3.43
CN MVA A 16 2.84 2.78 2.89
CA MVA A 16 0.66 1.51 3.33
CB MVA A 16 -0.11 1.42 1.98
CG1 MVA A 16 0.80 1.44 0.76
CG2 MVA A 16 -0.98 0.17 1.96
C MVA A 16 1.49 0.25 3.54
O MVA A 16 2.31 -0.17 2.72
HN1 MVA A 16 2.88 3.41 2.02
HN2 MVA A 16 3.15 1.78 2.62
HN3 MVA A 16 3.52 3.16 3.64
HA MVA A 16 -0.08 1.53 4.11
HB MVA A 16 -0.77 2.28 1.91
HG11 MVA A 16 1.35 2.37 0.75
HG12 MVA A 16 0.21 1.35 -0.13
HG13 MVA A 16 1.49 0.61 0.82
HG21 MVA A 16 -1.67 0.21 2.80
HG22 MVA A 16 -0.36 -0.70 2.03
HG23 MVA A 16 -1.54 0.13 1.04
N ARG A 17 1.28 -0.37 4.70
CA ARG A 17 1.93 -1.60 5.05
C ARG A 17 1.16 -2.77 4.47
N CYS A 18 1.75 -3.45 3.52
CA CYS A 18 1.13 -4.64 2.95
C CYS A 18 1.36 -5.83 3.86
N ASP A 19 0.27 -6.44 4.30
CA ASP A 19 0.33 -7.56 5.23
C ASP A 19 -0.41 -8.76 4.65
N DPR A 20 0.26 -9.53 3.79
CA DPR A 20 -0.36 -10.67 3.09
CB DPR A 20 0.76 -11.19 2.18
CG DPR A 20 2.02 -10.72 2.81
CD DPR A 20 1.68 -9.39 3.45
C DPR A 20 -1.56 -10.22 2.26
O DPR A 20 -1.42 -9.40 1.34
HA DPR A 20 -0.65 -11.44 3.77
HB2 DPR A 20 0.72 -12.27 2.15
HB3 DPR A 20 0.64 -10.79 1.19
HG2 DPR A 20 2.35 -11.41 3.56
HG3 DPR A 20 2.78 -10.58 2.05
HD2 DPR A 20 2.29 -9.24 4.34
HD3 DPR A 20 1.84 -8.59 2.74
N PRO A 21 -2.74 -10.74 2.56
CA PRO A 21 -3.97 -10.40 1.87
C PRO A 21 -4.57 -9.07 2.34
N ARG A 22 -3.97 -8.49 3.38
CA ARG A 22 -4.48 -7.26 3.96
C ARG A 22 -3.45 -6.15 3.82
N TYR A 23 -3.82 -4.94 4.20
CA TYR A 23 -2.90 -3.83 4.20
C TYR A 23 -3.38 -2.74 5.14
N GLU A 24 -2.44 -1.97 5.65
CA GLU A 24 -2.75 -0.88 6.56
C GLU A 24 -2.32 0.44 5.94
N MVA A 25 -3.22 1.42 5.84
CN MVA A 25 -4.54 1.25 6.46
CA MVA A 25 -2.85 2.70 5.16
CB MVA A 25 -3.47 2.82 3.73
CG1 MVA A 25 -4.99 2.78 3.73
CG2 MVA A 25 -2.99 4.10 3.07
C MVA A 25 -3.20 3.92 6.00
O MVA A 25 -4.36 4.16 6.37
HN1 MVA A 25 -5.07 2.19 6.46
HN2 MVA A 25 -4.43 0.90 7.48
HN3 MVA A 25 -5.11 0.52 5.90
HA MVA A 25 -1.78 2.72 5.03
HB MVA A 25 -3.11 1.99 3.14
HG11 MVA A 25 -5.37 3.55 4.40
HG12 MVA A 25 -5.32 1.81 4.09
HG13 MVA A 25 -5.35 2.95 2.73
HG21 MVA A 25 -1.91 4.07 2.97
HG22 MVA A 25 -3.26 4.95 3.67
HG23 MVA A 25 -3.43 4.18 2.08
N HIS A 26 -2.19 4.71 6.29
CA HIS A 26 -2.33 5.88 7.14
C HIS A 26 -1.82 7.12 6.44
N CYS A 27 -2.63 8.17 6.42
CA CYS A 27 -2.25 9.41 5.77
C CYS A 27 -1.76 10.43 6.80
N NH2 A 28 -0.60 10.17 7.37
HN1 NH2 A 28 -0.13 9.36 7.11
HN2 NH2 A 28 -0.25 10.81 8.01
N ASN A 1 6.68 -4.97 -10.68
CA ASN A 1 5.27 -4.83 -10.25
C ASN A 1 5.02 -5.66 -9.01
N ASP A 2 4.24 -5.12 -8.09
CA ASP A 2 3.95 -5.81 -6.83
C ASP A 2 2.71 -5.22 -6.18
N AIB A 3 1.97 -6.06 -5.46
CA AIB A 3 0.74 -5.64 -4.76
C AIB A 3 1.04 -4.43 -3.88
O AIB A 3 0.35 -3.41 -3.93
CB1 AIB A 3 0.24 -6.78 -3.90
CB2 AIB A 3 -0.34 -5.31 -5.77
H AIB A 3 2.25 -7.00 -5.38
HB11 AIB A 3 0.03 -7.63 -4.52
HB12 AIB A 3 -0.67 -6.47 -3.40
HB13 AIB A 3 0.98 -7.04 -3.17
HB21 AIB A 3 0.00 -4.53 -6.42
HB22 AIB A 3 -1.23 -4.98 -5.25
HB23 AIB A 3 -0.57 -6.19 -6.35
N CYS A 4 2.12 -4.53 -3.09
CA CYS A 4 2.47 -3.48 -2.14
C CYS A 4 2.84 -2.20 -2.88
N LYS A 5 3.55 -2.34 -3.98
CA LYS A 5 3.99 -1.18 -4.75
C LYS A 5 2.80 -0.49 -5.40
N AIB A 6 1.86 -1.29 -5.91
CA AIB A 6 0.64 -0.80 -6.52
C AIB A 6 -0.12 0.03 -5.49
O AIB A 6 -0.61 1.12 -5.78
CB1 AIB A 6 -0.22 -1.95 -6.99
CB2 AIB A 6 0.97 0.05 -7.74
H AIB A 6 2.02 -2.27 -5.88
HB11 AIB A 6 0.34 -2.56 -7.70
HB12 AIB A 6 -1.11 -1.57 -7.47
HB13 AIB A 6 -0.50 -2.55 -6.15
HB21 AIB A 6 1.46 -0.55 -8.48
HB22 AIB A 6 1.61 0.87 -7.44
HB23 AIB A 6 0.05 0.45 -8.16
N LEU A 7 -0.21 -0.50 -4.27
CA LEU A 7 -0.90 0.19 -3.18
C LEU A 7 -0.21 1.50 -2.87
N LYS A 8 1.12 1.47 -2.80
CA LYS A 8 1.90 2.67 -2.52
C LYS A 8 1.58 3.76 -3.54
N AIB A 9 1.68 3.39 -4.81
CA AIB A 9 1.40 4.31 -5.92
C AIB A 9 -0.06 4.80 -5.83
O AIB A 9 -0.35 5.96 -6.10
CB1 AIB A 9 1.62 3.60 -7.23
CB2 AIB A 9 2.36 5.49 -5.88
H AIB A 9 1.93 2.46 -5.02
HB11 AIB A 9 0.92 2.78 -7.32
HB12 AIB A 9 2.63 3.22 -7.27
HB13 AIB A 9 1.47 4.29 -8.05
HB21 AIB A 9 3.37 5.13 -5.99
HB22 AIB A 9 2.26 5.99 -4.93
HB23 AIB A 9 2.13 6.17 -6.68
N ARG A 10 -0.95 3.89 -5.46
CA ARG A 10 -2.37 4.16 -5.41
C ARG A 10 -2.71 5.20 -4.35
N TYR A 11 -2.08 5.09 -3.19
CA TYR A 11 -2.40 5.97 -2.07
C TYR A 11 -1.55 7.23 -2.07
N AIB A 12 -0.74 7.38 -3.13
CA AIB A 12 -0.02 8.64 -3.46
C AIB A 12 0.23 9.54 -2.24
O AIB A 12 -0.37 10.61 -2.12
CB1 AIB A 12 -0.82 9.40 -4.49
CB2 AIB A 12 1.30 8.30 -4.12
H AIB A 12 -0.63 6.61 -3.72
HB11 AIB A 12 -1.02 8.78 -5.34
HB12 AIB A 12 -0.26 10.27 -4.80
HB13 AIB A 12 -1.77 9.71 -4.05
HB21 AIB A 12 1.83 9.21 -4.37
HB22 AIB A 12 1.12 7.73 -5.02
HB23 AIB A 12 1.91 7.71 -3.44
N GLY A 13 1.12 9.12 -1.36
CA GLY A 13 1.48 9.98 -0.24
C GLY A 13 1.21 9.34 1.10
N CYS A 14 0.19 8.49 1.16
CA CYS A 14 -0.14 7.81 2.40
C CYS A 14 0.81 6.64 2.61
N GLU A 15 1.01 6.27 3.86
CA GLU A 15 1.87 5.14 4.19
C GLU A 15 1.06 3.85 4.19
N MVA A 16 1.52 2.82 3.46
CN MVA A 16 2.84 2.92 2.79
CA MVA A 16 0.73 1.57 3.37
CB MVA A 16 -0.07 1.46 2.05
CG1 MVA A 16 0.82 1.47 0.81
CG2 MVA A 16 -0.92 0.20 2.05
C MVA A 16 1.60 0.32 3.58
O MVA A 16 2.45 -0.04 2.76
HN1 MVA A 16 3.12 1.96 2.41
HN2 MVA A 16 3.57 3.27 3.51
HN3 MVA A 16 2.77 3.64 1.98
HA MVA A 16 0.01 1.58 4.17
HB MVA A 16 -0.73 2.31 1.98
HG11 MVA A 16 1.52 0.65 0.85
HG12 MVA A 16 1.36 2.41 0.76
HG13 MVA A 16 0.20 1.37 -0.07
HG21 MVA A 16 -1.57 0.20 2.92
HG22 MVA A 16 -0.28 -0.67 2.09
HG23 MVA A 16 -1.52 0.16 1.15
N ARG A 17 1.36 -0.32 4.71
CA ARG A 17 2.06 -1.55 5.07
C ARG A 17 1.26 -2.74 4.58
N CYS A 18 1.83 -3.52 3.69
CA CYS A 18 1.13 -4.68 3.17
C CYS A 18 1.41 -5.90 4.03
N ASP A 19 0.35 -6.60 4.38
CA ASP A 19 0.46 -7.81 5.19
C ASP A 19 -0.23 -8.95 4.45
N DPR A 20 0.52 -9.63 3.55
CA DPR A 20 -0.04 -10.65 2.68
CB DPR A 20 1.14 -11.09 1.81
CG DPR A 20 2.35 -10.70 2.59
CD DPR A 20 1.96 -9.46 3.34
C DPR A 20 -1.17 -10.08 1.80
O DPR A 20 -0.94 -9.15 1.02
HA DPR A 20 -0.41 -11.51 3.23
HB2 DPR A 20 1.09 -12.16 1.64
HB3 DPR A 20 1.10 -10.57 0.86
HG2 DPR A 20 2.62 -11.49 3.27
HG3 DPR A 20 3.16 -10.49 1.91
HD2 DPR A 20 2.50 -9.42 4.29
HD3 DPR A 20 2.17 -8.58 2.76
N PRO A 21 -2.37 -10.62 1.93
CA PRO A 21 -3.54 -10.14 1.20
C PRO A 21 -4.23 -8.95 1.87
N ARG A 22 -3.63 -8.46 2.95
CA ARG A 22 -4.16 -7.30 3.65
C ARG A 22 -3.19 -6.14 3.59
N TYR A 23 -3.62 -4.98 4.06
CA TYR A 23 -2.75 -3.82 4.12
C TYR A 23 -3.27 -2.79 5.11
N GLU A 24 -2.37 -1.96 5.61
CA GLU A 24 -2.71 -0.86 6.49
C GLU A 24 -2.30 0.45 5.82
N MVA A 25 -3.18 1.46 5.80
CN MVA A 25 -4.46 1.33 6.52
CA MVA A 25 -2.83 2.71 5.10
CB MVA A 25 -3.42 2.78 3.65
CG1 MVA A 25 -4.93 2.67 3.63
CG2 MVA A 25 -2.97 4.05 2.97
C MVA A 25 -3.21 3.97 5.88
O MVA A 25 -4.39 4.24 6.13
HN1 MVA A 25 -5.09 0.62 6.02
HN2 MVA A 25 -4.95 2.29 6.55
HN3 MVA A 25 -4.27 0.99 7.53
HA MVA A 25 -1.75 2.74 4.98
HB MVA A 25 -3.02 1.94 3.10
HG11 MVA A 25 -5.29 2.79 2.63
HG12 MVA A 25 -5.36 3.44 4.26
HG13 MVA A 25 -5.23 1.69 4.01
HG21 MVA A 25 -1.89 4.05 2.88
HG22 MVA A 25 -3.30 4.90 3.54
HG23 MVA A 25 -3.41 4.10 1.97
N HIS A 26 -2.20 4.73 6.25
CA HIS A 26 -2.39 5.92 7.05
C HIS A 26 -1.95 7.14 6.25
N CYS A 27 -2.87 8.07 6.05
CA CYS A 27 -2.58 9.29 5.33
C CYS A 27 -2.23 10.42 6.30
N NH2 A 28 -3.21 10.85 7.08
HN1 NH2 A 28 -4.10 10.44 6.98
HN2 NH2 A 28 -3.01 11.57 7.71
N ASN A 1 6.87 -6.15 -10.18
CA ASN A 1 5.79 -5.34 -9.55
C ASN A 1 4.97 -6.23 -8.62
N ASP A 2 4.43 -5.62 -7.57
CA ASP A 2 3.65 -6.37 -6.59
C ASP A 2 2.40 -5.59 -6.22
N AIB A 3 1.39 -6.30 -5.72
CA AIB A 3 0.15 -5.70 -5.24
C AIB A 3 0.49 -4.57 -4.26
O AIB A 3 -0.09 -3.49 -4.31
CB1 AIB A 3 -0.70 -6.74 -4.55
CB2 AIB A 3 -0.65 -5.16 -6.41
H AIB A 3 1.48 -7.28 -5.68
HB11 AIB A 3 -1.61 -6.29 -4.19
HB12 AIB A 3 -0.15 -7.14 -3.70
HB13 AIB A 3 -0.93 -7.53 -5.22
HB21 AIB A 3 -0.96 -5.98 -7.04
HB22 AIB A 3 -0.05 -4.47 -6.98
HB23 AIB A 3 -1.54 -4.67 -6.04
N CYS A 4 1.46 -4.83 -3.40
CA CYS A 4 1.90 -3.87 -2.40
C CYS A 4 2.44 -2.61 -3.07
N LYS A 5 3.24 -2.79 -4.11
CA LYS A 5 3.85 -1.65 -4.79
C LYS A 5 2.77 -0.81 -5.46
N AIB A 6 1.81 -1.48 -6.08
CA AIB A 6 0.67 -0.82 -6.73
C AIB A 6 -0.08 0.01 -5.68
O AIB A 6 -0.46 1.16 -5.93
CB1 AIB A 6 -0.26 -1.85 -7.31
CB2 AIB A 6 1.15 0.06 -7.86
H AIB A 6 1.86 -2.47 -6.12
HB11 AIB A 6 0.27 -2.45 -8.03
HB12 AIB A 6 -1.08 -1.36 -7.80
HB13 AIB A 6 -0.64 -2.49 -6.53
HB21 AIB A 6 1.86 0.78 -7.49
HB22 AIB A 6 0.30 0.57 -8.30
HB23 AIB A 6 1.63 -0.55 -8.61
N LEU A 7 -0.29 -0.58 -4.50
CA LEU A 7 -0.99 0.09 -3.42
C LEU A 7 -0.21 1.30 -2.94
N LYS A 8 1.10 1.13 -2.80
CA LYS A 8 1.96 2.23 -2.36
C LYS A 8 1.88 3.39 -3.33
N AIB A 9 1.98 3.09 -4.62
CA AIB A 9 1.88 4.10 -5.69
C AIB A 9 0.50 4.77 -5.62
O AIB A 9 0.37 5.98 -5.82
CB1 AIB A 9 2.05 3.43 -7.04
CB2 AIB A 9 2.98 5.13 -5.55
H AIB A 9 2.13 2.14 -4.88
HB11 AIB A 9 3.00 2.93 -7.07
HB12 AIB A 9 2.01 4.19 -7.81
HB13 AIB A 9 1.25 2.72 -7.20
HB21 AIB A 9 2.87 5.89 -6.31
HB22 AIB A 9 3.94 4.65 -5.65
HB23 AIB A 9 2.92 5.60 -4.57
N ARG A 10 -0.52 3.97 -5.32
CA ARG A 10 -1.89 4.48 -5.23
C ARG A 10 -2.05 5.41 -4.04
N TYR A 11 -1.45 5.02 -2.92
CA TYR A 11 -1.57 5.77 -1.67
C TYR A 11 -0.34 6.62 -1.41
N AIB A 12 0.19 7.22 -2.47
CA AIB A 12 1.38 8.09 -2.38
C AIB A 12 1.14 9.24 -1.38
O AIB A 12 2.07 9.74 -0.76
CB1 AIB A 12 1.67 8.68 -3.74
CB2 AIB A 12 2.59 7.30 -1.96
H AIB A 12 -0.22 7.06 -3.35
HB11 AIB A 12 2.56 9.28 -3.69
HB12 AIB A 12 0.83 9.28 -4.06
HB13 AIB A 12 1.83 7.88 -4.45
HB21 AIB A 12 2.75 6.49 -2.66
HB22 AIB A 12 2.43 6.89 -0.97
HB23 AIB A 12 3.46 7.94 -1.94
N GLY A 13 -0.11 9.66 -1.25
CA GLY A 13 -0.44 10.74 -0.33
C GLY A 13 -0.60 10.26 1.10
N CYS A 14 -0.44 8.96 1.29
CA CYS A 14 -0.59 8.34 2.61
C CYS A 14 0.58 7.38 2.83
N GLU A 15 0.53 6.65 3.93
CA GLU A 15 1.52 5.62 4.19
C GLU A 15 0.83 4.26 4.23
N MVA A 16 1.35 3.27 3.50
CN MVA A 16 2.63 3.47 2.79
CA MVA A 16 0.67 1.96 3.45
CB MVA A 16 -0.21 1.79 2.16
CG1 MVA A 16 0.59 1.91 0.88
CG2 MVA A 16 -0.94 0.46 2.19
C MVA A 16 1.63 0.78 3.57
O MVA A 16 2.48 0.52 2.72
HN1 MVA A 16 2.49 4.17 1.98
HN2 MVA A 16 2.98 2.53 2.39
HN3 MVA A 16 3.37 3.86 3.47
HA MVA A 16 -0.01 1.89 4.28
HB MVA A 16 -0.95 2.57 2.15
HG11 MVA A 16 1.02 2.90 0.82
HG12 MVA A 16 -0.06 1.74 0.04
HG13 MVA A 16 1.38 1.17 0.88
HG21 MVA A 16 -1.56 0.36 1.31
HG22 MVA A 16 -1.56 0.40 3.07
HG23 MVA A 16 -0.22 -0.35 2.21
N ARG A 17 1.47 0.05 4.67
CA ARG A 17 2.26 -1.13 4.94
C ARG A 17 1.55 -2.34 4.37
N CYS A 18 2.29 -3.33 3.95
CA CYS A 18 1.68 -4.49 3.33
C CYS A 18 2.18 -5.79 3.95
N ASP A 19 1.25 -6.70 4.17
CA ASP A 19 1.58 -8.05 4.61
C ASP A 19 0.95 -9.03 3.62
N DPR A 20 1.72 -9.45 2.61
CA DPR A 20 1.19 -10.27 1.52
CB DPR A 20 2.41 -10.50 0.61
CG DPR A 20 3.59 -10.22 1.46
CD DPR A 20 3.16 -9.17 2.44
C DPR A 20 0.08 -9.54 0.76
O DPR A 20 0.32 -8.47 0.17
HA DPR A 20 0.83 -11.22 1.87
HB2 DPR A 20 2.40 -11.51 0.25
HB3 DPR A 20 2.35 -9.82 -0.23
HG2 DPR A 20 3.89 -11.12 1.98
HG3 DPR A 20 4.40 -9.85 0.86
HD2 DPR A 20 3.68 -9.29 3.38
HD3 DPR A 20 3.31 -8.18 2.03
N PRO A 21 -1.14 -10.10 0.76
CA PRO A 21 -2.29 -9.47 0.12
C PRO A 21 -2.94 -8.39 0.98
N ARG A 22 -2.52 -8.30 2.23
CA ARG A 22 -3.13 -7.37 3.19
C ARG A 22 -2.33 -6.09 3.28
N TYR A 23 -2.96 -5.02 3.74
CA TYR A 23 -2.29 -3.74 3.88
C TYR A 23 -2.95 -2.87 4.93
N GLU A 24 -2.18 -1.94 5.47
CA GLU A 24 -2.68 -0.93 6.39
C GLU A 24 -2.30 0.45 5.86
N MVA A 25 -3.26 1.38 5.75
CN MVA A 25 -4.61 1.09 6.29
CA MVA A 25 -2.95 2.69 5.14
CB MVA A 25 -3.52 2.85 3.70
CG1 MVA A 25 -5.04 2.72 3.64
CG2 MVA A 25 -3.09 4.18 3.11
C MVA A 25 -3.38 3.86 6.02
O MVA A 25 -4.56 4.07 6.30
HN1 MVA A 25 -5.10 0.37 5.66
HN2 MVA A 25 -5.17 2.01 6.33
HN3 MVA A 25 -4.51 0.69 7.29
HA MVA A 25 -1.87 2.77 5.05
HB MVA A 25 -3.10 2.07 3.09
HG11 MVA A 25 -5.32 1.72 3.91
HG12 MVA A 25 -5.38 2.94 2.63
HG13 MVA A 25 -5.49 3.44 4.32
HG21 MVA A 25 -3.49 4.30 2.12
HG22 MVA A 25 -2.01 4.23 3.07
HG23 MVA A 25 -3.44 4.99 3.74
N HIS A 26 -2.39 4.63 6.45
CA HIS A 26 -2.60 5.79 7.30
C HIS A 26 -2.46 7.05 6.47
N CYS A 27 -3.50 7.87 6.48
CA CYS A 27 -3.48 9.11 5.73
C CYS A 27 -3.37 10.29 6.69
N NH2 A 28 -2.14 10.70 6.96
HN1 NH2 A 28 -1.39 10.23 6.54
HN2 NH2 A 28 -2.03 11.45 7.59
N ASN A 1 5.80 -5.36 -11.74
CA ASN A 1 4.60 -4.96 -10.96
C ASN A 1 4.53 -5.77 -9.68
N ASP A 2 3.90 -5.21 -8.66
CA ASP A 2 3.77 -5.88 -7.37
C ASP A 2 2.55 -5.35 -6.63
N AIB A 3 1.86 -6.22 -5.91
CA AIB A 3 0.66 -5.85 -5.15
C AIB A 3 0.96 -4.65 -4.24
O AIB A 3 0.22 -3.66 -4.22
CB1 AIB A 3 0.20 -7.02 -4.30
CB2 AIB A 3 -0.47 -5.51 -6.11
H AIB A 3 2.17 -7.15 -5.87
HB11 AIB A 3 0.99 -7.30 -3.62
HB12 AIB A 3 -0.03 -7.85 -4.95
HB13 AIB A 3 -0.68 -6.75 -3.74
HB21 AIB A 3 -0.70 -6.38 -6.72
HB22 AIB A 3 -0.18 -4.70 -6.75
HB23 AIB A 3 -1.35 -5.24 -5.55
N CYS A 4 2.06 -4.74 -3.51
CA CYS A 4 2.43 -3.70 -2.56
C CYS A 4 2.84 -2.44 -3.28
N LYS A 5 3.44 -2.60 -4.46
CA LYS A 5 3.86 -1.46 -5.26
C LYS A 5 2.63 -0.72 -5.77
N AIB A 6 1.62 -1.48 -6.20
CA AIB A 6 0.35 -0.92 -6.66
C AIB A 6 -0.26 -0.08 -5.54
O AIB A 6 -0.68 1.05 -5.75
CB1 AIB A 6 -0.60 -2.05 -7.03
CB2 AIB A 6 0.55 -0.07 -7.91
H AIB A 6 1.74 -2.45 -6.21
HB11 AIB A 6 -1.53 -1.63 -7.38
HB12 AIB A 6 -0.78 -2.66 -6.16
HB13 AIB A 6 -0.16 -2.64 -7.81
HB21 AIB A 6 1.27 0.70 -7.71
HB22 AIB A 6 -0.39 0.37 -8.20
HB23 AIB A 6 0.92 -0.70 -8.72
N LEU A 7 -0.29 -0.66 -4.33
CA LEU A 7 -0.85 0.03 -3.18
C LEU A 7 -0.03 1.27 -2.84
N LYS A 8 1.28 1.13 -2.92
CA LYS A 8 2.19 2.22 -2.60
C LYS A 8 1.98 3.39 -3.55
N AIB A 9 1.94 3.08 -4.85
CA AIB A 9 1.70 4.08 -5.90
C AIB A 9 0.32 4.72 -5.68
O AIB A 9 0.14 5.92 -5.86
CB1 AIB A 9 1.74 3.41 -7.25
CB2 AIB A 9 2.80 5.13 -5.88
H AIB A 9 2.06 2.14 -5.11
HB11 AIB A 9 2.69 2.92 -7.38
HB12 AIB A 9 1.61 4.16 -8.02
HB13 AIB A 9 0.94 2.68 -7.32
HB21 AIB A 9 2.53 5.93 -6.55
HB22 AIB A 9 3.73 4.69 -6.21
HB23 AIB A 9 2.91 5.52 -4.88
N ARG A 10 -0.64 3.88 -5.31
CA ARG A 10 -2.02 4.31 -5.09
C ARG A 10 -2.09 5.32 -3.95
N TYR A 11 -1.42 5.01 -2.85
CA TYR A 11 -1.46 5.85 -1.67
C TYR A 11 -0.24 6.76 -1.61
N AIB A 12 -0.01 7.47 -2.71
CA AIB A 12 1.16 8.36 -2.87
C AIB A 12 1.23 9.39 -1.74
O AIB A 12 2.32 9.76 -1.29
CB1 AIB A 12 1.06 9.08 -4.20
CB2 AIB A 12 2.44 7.54 -2.90
H AIB A 12 -0.64 7.38 -3.46
HB11 AIB A 12 0.17 9.69 -4.21
HB12 AIB A 12 1.01 8.36 -5.00
HB13 AIB A 12 1.93 9.71 -4.34
HB21 AIB A 12 2.37 6.81 -3.68
HB22 AIB A 12 2.56 7.05 -1.96
HB23 AIB A 12 3.28 8.19 -3.08
N GLY A 13 0.08 9.85 -1.29
CA GLY A 13 0.05 10.86 -0.25
C GLY A 13 -0.24 10.28 1.12
N CYS A 14 -0.16 8.97 1.23
CA CYS A 14 -0.43 8.29 2.49
C CYS A 14 0.64 7.22 2.73
N GLU A 15 0.49 6.47 3.81
CA GLU A 15 1.41 5.38 4.12
C GLU A 15 0.68 4.05 4.08
N MVA A 16 1.30 2.98 3.54
CN MVA A 16 2.72 3.13 3.12
CA MVA A 16 0.62 1.69 3.43
CB MVA A 16 -0.04 1.49 2.03
CG1 MVA A 16 0.95 1.61 0.88
CG2 MVA A 16 -0.77 0.16 1.97
C MVA A 16 1.54 0.49 3.73
O MVA A 16 2.49 0.19 3.01
HN1 MVA A 16 2.76 3.72 2.22
HN2 MVA A 16 3.13 2.14 2.91
HN3 MVA A 16 3.29 3.60 3.90
HA MVA A 16 -0.18 1.66 4.15
HB MVA A 16 -0.78 2.27 1.91
HG11 MVA A 16 0.43 1.39 -0.04
HG12 MVA A 16 1.74 0.89 1.03
HG13 MVA A 16 1.35 2.61 0.85
HG21 MVA A 16 -0.05 -0.64 2.11
HG22 MVA A 16 -1.25 0.05 1.01
HG23 MVA A 16 -1.50 0.11 2.76
N ARG A 17 1.23 -0.19 4.83
CA ARG A 17 1.95 -1.38 5.24
C ARG A 17 1.33 -2.59 4.59
N CYS A 18 2.01 -3.13 3.60
CA CYS A 18 1.48 -4.27 2.85
C CYS A 18 1.82 -5.59 3.53
N ASP A 19 0.82 -6.45 3.67
CA ASP A 19 1.00 -7.77 4.24
C ASP A 19 0.12 -8.77 3.51
N DPR A 20 0.63 -9.33 2.40
CA DPR A 20 -0.17 -10.21 1.52
CB DPR A 20 0.77 -10.51 0.36
CG DPR A 20 2.15 -10.29 0.91
CD DPR A 20 2.00 -9.18 1.91
C DPR A 20 -1.43 -9.49 1.02
O DPR A 20 -1.35 -8.43 0.42
HA DPR A 20 -0.44 -11.12 2.02
HB2 DPR A 20 0.63 -11.53 0.04
HB3 DPR A 20 0.57 -9.84 -0.46
HG2 DPR A 20 2.49 -11.20 1.40
HG3 DPR A 20 2.81 -10.00 0.12
HD2 DPR A 20 2.71 -9.32 2.72
HD3 DPR A 20 2.15 -8.23 1.44
N PRO A 21 -2.61 -10.09 1.28
CA PRO A 21 -3.88 -9.48 0.89
C PRO A 21 -4.30 -8.34 1.82
N ARG A 22 -3.62 -8.22 2.96
CA ARG A 22 -3.97 -7.22 3.95
C ARG A 22 -3.02 -6.04 3.85
N TYR A 23 -3.48 -4.89 4.31
CA TYR A 23 -2.62 -3.72 4.36
C TYR A 23 -3.17 -2.69 5.34
N GLU A 24 -2.26 -1.89 5.89
CA GLU A 24 -2.64 -0.79 6.75
C GLU A 24 -2.37 0.52 6.05
N MVA A 25 -3.30 1.47 6.07
CN MVA A 25 -4.55 1.24 6.84
CA MVA A 25 -3.07 2.74 5.38
CB MVA A 25 -3.77 2.83 3.99
CG1 MVA A 25 -5.28 2.66 4.08
CG2 MVA A 25 -3.43 4.14 3.30
C MVA A 25 -3.43 3.96 6.23
O MVA A 25 -4.58 4.18 6.62
HN1 MVA A 25 -4.30 0.91 7.84
HN2 MVA A 25 -5.14 0.49 6.35
HN3 MVA A 25 -5.11 2.16 6.89
HA MVA A 25 -2.01 2.82 5.17
HB MVA A 25 -3.39 2.03 3.37
HG11 MVA A 25 -5.69 3.40 4.75
HG12 MVA A 25 -5.51 1.66 4.44
HG13 MVA A 25 -5.71 2.80 3.10
HG21 MVA A 25 -3.73 4.97 3.95
HG22 MVA A 25 -3.95 4.21 2.36
HG23 MVA A 25 -2.37 4.20 3.14
N HIS A 26 -2.41 4.75 6.52
CA HIS A 26 -2.58 5.97 7.30
C HIS A 26 -2.43 7.17 6.39
N CYS A 27 -3.33 8.12 6.50
CA CYS A 27 -3.29 9.28 5.65
C CYS A 27 -3.75 10.51 6.43
N NH2 A 28 -2.87 11.05 7.25
HN1 NH2 A 28 -1.97 10.64 7.30
HN2 NH2 A 28 -3.13 11.84 7.77
N ASN A 1 2.75 -7.54 -12.10
CA ASN A 1 2.46 -6.38 -11.23
C ASN A 1 2.63 -6.79 -9.77
N ASP A 2 3.02 -5.84 -8.92
CA ASP A 2 3.26 -6.13 -7.51
C ASP A 2 2.22 -5.49 -6.62
N AIB A 3 1.70 -6.27 -5.67
CA AIB A 3 0.66 -5.82 -4.73
C AIB A 3 1.12 -4.57 -3.97
O AIB A 3 0.47 -3.53 -4.00
CB1 AIB A 3 0.36 -6.93 -3.75
CB2 AIB A 3 -0.63 -5.53 -5.49
H AIB A 3 2.05 -7.18 -5.58
HB11 AIB A 3 1.25 -7.18 -3.21
HB12 AIB A 3 0.00 -7.80 -4.29
HB13 AIB A 3 -0.40 -6.60 -3.06
HB21 AIB A 3 -1.39 -5.21 -4.79
HB22 AIB A 3 -0.95 -6.42 -6.00
HB23 AIB A 3 -0.45 -4.75 -6.21
N CYS A 4 2.28 -4.68 -3.31
CA CYS A 4 2.77 -3.60 -2.45
C CYS A 4 3.06 -2.35 -3.25
N LYS A 5 3.65 -2.53 -4.43
CA LYS A 5 3.97 -1.40 -5.30
C LYS A 5 2.68 -0.71 -5.76
N AIB A 6 1.68 -1.52 -6.13
CA AIB A 6 0.38 -1.01 -6.56
C AIB A 6 -0.23 -0.17 -5.44
O AIB A 6 -0.73 0.93 -5.67
CB1 AIB A 6 -0.55 -2.17 -6.87
CB2 AIB A 6 0.52 -0.19 -7.82
H AIB A 6 1.83 -2.49 -6.09
HB11 AIB A 6 -1.46 -1.80 -7.29
HB12 AIB A 6 -0.75 -2.71 -5.96
HB13 AIB A 6 -0.07 -2.83 -7.58
HB21 AIB A 6 -0.44 0.19 -8.12
HB22 AIB A 6 0.91 -0.81 -8.62
HB23 AIB A 6 1.19 0.64 -7.65
N LEU A 7 -0.18 -0.71 -4.23
CA LEU A 7 -0.75 -0.04 -3.07
C LEU A 7 -0.02 1.26 -2.79
N LYS A 8 1.30 1.22 -2.91
CA LYS A 8 2.11 2.40 -2.69
C LYS A 8 1.73 3.48 -3.68
N AIB A 9 1.72 3.12 -4.97
CA AIB A 9 1.35 4.06 -6.04
C AIB A 9 -0.06 4.59 -5.79
O AIB A 9 -0.38 5.75 -6.07
CB1 AIB A 9 1.39 3.35 -7.37
CB2 AIB A 9 2.35 5.20 -6.10
H AIB A 9 1.94 2.20 -5.20
HB11 AIB A 9 2.37 2.91 -7.52
HB12 AIB A 9 1.19 4.06 -8.16
HB13 AIB A 9 0.65 2.56 -7.39
HB21 AIB A 9 2.07 5.88 -6.89
HB22 AIB A 9 3.33 4.80 -6.30
HB23 AIB A 9 2.36 5.72 -5.16
N ARG A 10 -0.91 3.73 -5.25
CA ARG A 10 -2.29 4.08 -4.96
C ARG A 10 -2.39 5.05 -3.78
N TYR A 11 -1.47 4.91 -2.84
CA TYR A 11 -1.49 5.70 -1.61
C TYR A 11 -0.21 6.48 -1.40
N AIB A 12 0.31 7.07 -2.49
CA AIB A 12 1.55 7.87 -2.45
C AIB A 12 1.42 9.02 -1.43
O AIB A 12 2.42 9.44 -0.84
CB1 AIB A 12 1.82 8.45 -3.82
CB2 AIB A 12 2.74 7.00 -2.08
H AIB A 12 -0.15 6.95 -3.35
HB11 AIB A 12 1.85 7.65 -4.54
HB12 AIB A 12 2.77 8.96 -3.81
HB13 AIB A 12 1.03 9.14 -4.08
HB21 AIB A 12 2.60 6.59 -1.10
HB22 AIB A 12 3.64 7.59 -2.12
HB23 AIB A 12 2.81 6.18 -2.80
N GLY A 13 0.20 9.50 -1.25
CA GLY A 13 -0.02 10.59 -0.31
C GLY A 13 -0.33 10.11 1.09
N CYS A 14 -0.08 8.83 1.34
CA CYS A 14 -0.32 8.23 2.64
C CYS A 14 0.75 7.17 2.93
N GLU A 15 0.70 6.58 4.11
CA GLU A 15 1.58 5.47 4.45
C GLU A 15 0.85 4.14 4.30
N MVA A 16 1.48 3.14 3.69
CN MVA A 16 2.87 3.31 3.25
CA MVA A 16 0.78 1.85 3.49
CB MVA A 16 0.17 1.71 2.06
CG1 MVA A 16 1.22 1.74 0.95
CG2 MVA A 16 -0.66 0.45 1.95
C MVA A 16 1.68 0.63 3.79
O MVA A 16 2.69 0.38 3.13
HN1 MVA A 16 3.28 2.35 2.94
HN2 MVA A 16 3.47 3.71 4.06
HN3 MVA A 16 2.91 3.99 2.41
HA MVA A 16 -0.05 1.79 4.17
HB MVA A 16 -0.49 2.55 1.90
HG11 MVA A 16 1.73 2.70 0.97
HG12 MVA A 16 0.74 1.60 -0.01
HG13 MVA A 16 1.94 0.95 1.12
HG21 MVA A 16 -0.03 -0.42 2.15
HG22 MVA A 16 -1.07 0.36 0.95
HG23 MVA A 16 -1.46 0.48 2.67
N ARG A 17 1.28 -0.12 4.81
CA ARG A 17 2.00 -1.31 5.21
C ARG A 17 1.30 -2.54 4.64
N CYS A 18 1.87 -3.10 3.60
CA CYS A 18 1.26 -4.25 2.96
C CYS A 18 1.55 -5.53 3.72
N ASP A 19 0.49 -6.26 4.03
CA ASP A 19 0.58 -7.51 4.76
C ASP A 19 -0.12 -8.60 3.94
N DPR A 20 0.66 -9.37 3.16
CA DPR A 20 0.10 -10.32 2.21
CB DPR A 20 1.33 -10.97 1.57
CG DPR A 20 2.46 -10.68 2.48
CD DPR A 20 2.13 -9.36 3.14
C DPR A 20 -0.74 -9.58 1.16
O DPR A 20 -0.28 -8.61 0.56
HA DPR A 20 -0.49 -11.07 2.69
HB2 DPR A 20 1.16 -12.03 1.47
HB3 DPR A 20 1.49 -10.54 0.59
HG2 DPR A 20 2.55 -11.45 3.22
HG3 DPR A 20 3.38 -10.59 1.92
HD2 DPR A 20 2.53 -9.34 4.15
HD3 DPR A 20 2.51 -8.54 2.57
N PRO A 21 -1.98 -10.03 0.94
CA PRO A 21 -2.91 -9.36 0.04
C PRO A 21 -3.60 -8.18 0.72
N ARG A 22 -3.36 -8.01 2.01
CA ARG A 22 -4.00 -6.95 2.77
C ARG A 22 -3.03 -5.81 3.00
N TYR A 23 -3.51 -4.71 3.58
CA TYR A 23 -2.66 -3.57 3.83
C TYR A 23 -3.25 -2.65 4.88
N GLU A 24 -2.36 -1.90 5.51
CA GLU A 24 -2.74 -0.82 6.40
C GLU A 24 -2.41 0.51 5.72
N MVA A 25 -3.33 1.48 5.74
CN MVA A 25 -4.60 1.27 6.47
CA MVA A 25 -3.04 2.76 5.09
CB MVA A 25 -3.66 2.89 3.67
CG1 MVA A 25 -5.16 2.68 3.65
CG2 MVA A 25 -3.31 4.23 3.05
C MVA A 25 -3.45 3.97 5.94
O MVA A 25 -4.64 4.24 6.16
HN1 MVA A 25 -5.20 0.54 5.93
HN2 MVA A 25 -5.13 2.20 6.53
HN3 MVA A 25 -4.40 0.89 7.46
HA MVA A 25 -1.97 2.84 4.96
HB MVA A 25 -3.21 2.11 3.04
HG11 MVA A 25 -5.63 3.38 4.32
HG12 MVA A 25 -5.39 1.67 3.97
HG13 MVA A 25 -5.54 2.84 2.65
HG21 MVA A 25 -2.23 4.33 2.97
HG22 MVA A 25 -3.69 5.02 3.67
HG23 MVA A 25 -3.74 4.30 2.06
N HIS A 26 -2.44 4.67 6.42
CA HIS A 26 -2.65 5.80 7.31
C HIS A 26 -2.06 7.06 6.69
N CYS A 27 -2.90 8.04 6.44
CA CYS A 27 -2.47 9.27 5.82
C CYS A 27 -2.00 10.27 6.86
N NH2 A 28 -0.73 10.18 7.23
HN1 NH2 A 28 -0.18 9.49 6.80
HN2 NH2 A 28 -0.39 10.80 7.90
N ASN A 1 3.54 -8.61 -11.01
CA ASN A 1 2.55 -7.81 -10.26
C ASN A 1 2.98 -7.68 -8.80
N ASP A 2 3.25 -6.46 -8.38
CA ASP A 2 3.67 -6.21 -7.01
C ASP A 2 2.55 -5.50 -6.26
N AIB A 3 1.81 -6.27 -5.45
CA AIB A 3 0.66 -5.76 -4.70
C AIB A 3 1.07 -4.53 -3.89
O AIB A 3 0.41 -3.49 -3.93
CB1 AIB A 3 0.16 -6.84 -3.75
CB2 AIB A 3 -0.47 -5.43 -5.64
H AIB A 3 2.06 -7.22 -5.36
HB11 AIB A 3 0.96 -7.11 -3.07
HB12 AIB A 3 -0.14 -7.71 -4.31
HB13 AIB A 3 -0.67 -6.46 -3.19
HB21 AIB A 3 -0.77 -6.33 -6.18
HB22 AIB A 3 -0.16 -4.67 -6.34
HB23 AIB A 3 -1.32 -5.06 -5.08
N CYS A 4 2.20 -4.64 -3.19
CA CYS A 4 2.67 -3.56 -2.34
C CYS A 4 3.03 -2.32 -3.15
N LYS A 5 3.56 -2.53 -4.35
CA LYS A 5 3.93 -1.42 -5.21
C LYS A 5 2.69 -0.70 -5.69
N AIB A 6 1.70 -1.49 -6.14
CA AIB A 6 0.43 -0.95 -6.64
C AIB A 6 -0.22 -0.11 -5.54
O AIB A 6 -0.68 1.01 -5.78
CB1 AIB A 6 -0.49 -2.10 -7.02
CB2 AIB A 6 0.66 -0.12 -7.89
H AIB A 6 1.83 -2.46 -6.14
HB11 AIB A 6 -1.41 -1.70 -7.43
HB12 AIB A 6 -0.71 -2.68 -6.14
HB13 AIB A 6 -0.01 -2.72 -7.76
HB21 AIB A 6 1.06 -0.74 -8.68
HB22 AIB A 6 1.36 0.67 -7.67
HB23 AIB A 6 -0.27 0.31 -8.22
N LEU A 7 -0.25 -0.65 -4.33
CA LEU A 7 -0.87 0.03 -3.20
C LEU A 7 -0.11 1.29 -2.84
N LYS A 8 1.22 1.19 -2.84
CA LYS A 8 2.06 2.33 -2.52
C LYS A 8 1.82 3.48 -3.49
N AIB A 9 1.84 3.14 -4.78
CA AIB A 9 1.62 4.10 -5.87
C AIB A 9 0.21 4.68 -5.75
O AIB A 9 -0.02 5.87 -6.00
CB1 AIB A 9 1.78 3.40 -7.19
CB2 AIB A 9 2.66 5.21 -5.80
H AIB A 9 2.00 2.19 -5.01
HB11 AIB A 9 1.71 4.12 -7.99
HB12 AIB A 9 1.01 2.66 -7.30
HB13 AIB A 9 2.75 2.91 -7.23
HB21 AIB A 9 2.60 5.71 -4.85
HB22 AIB A 9 2.47 5.92 -6.60
HB23 AIB A 9 3.64 4.79 -5.92
N ARG A 10 -0.74 3.82 -5.38
CA ARG A 10 -2.14 4.20 -5.27
C ARG A 10 -2.33 5.22 -4.15
N TYR A 11 -1.77 4.92 -3.00
CA TYR A 11 -1.89 5.78 -1.84
C TYR A 11 -0.77 6.82 -1.82
N AIB A 12 -0.75 7.63 -2.88
CA AIB A 12 0.29 8.62 -3.13
C AIB A 12 0.50 9.54 -1.91
O AIB A 12 1.61 10.01 -1.66
CB1 AIB A 12 -0.08 9.46 -4.33
CB2 AIB A 12 1.60 7.92 -3.46
H AIB A 12 -1.49 7.55 -3.53
HB11 AIB A 12 -0.23 8.81 -5.18
HB12 AIB A 12 0.72 10.15 -4.55
HB13 AIB A 12 -0.99 9.99 -4.12
HB21 AIB A 12 1.45 7.28 -4.32
HB22 AIB A 12 1.91 7.31 -2.61
HB23 AIB A 12 2.35 8.65 -3.68
N GLY A 13 -0.58 9.80 -1.19
CA GLY A 13 -0.50 10.73 -0.08
C GLY A 13 -0.66 10.06 1.27
N CYS A 14 -0.51 8.75 1.31
CA CYS A 14 -0.67 8.01 2.55
C CYS A 14 0.34 6.88 2.65
N GLU A 15 0.69 6.50 3.87
CA GLU A 15 1.57 5.37 4.10
C GLU A 15 0.76 4.08 4.03
N MVA A 16 1.35 2.97 3.55
CN MVA A 16 2.78 3.02 3.16
CA MVA A 16 0.59 1.72 3.44
CB MVA A 16 -0.13 1.58 2.07
CG1 MVA A 16 0.80 1.75 0.90
CG2 MVA A 16 -0.84 0.23 1.98
C MVA A 16 1.45 0.48 3.72
O MVA A 16 2.33 0.10 2.93
HN1 MVA A 16 3.36 3.50 3.93
HN2 MVA A 16 2.88 3.58 2.24
HN3 MVA A 16 3.13 2.01 3.00
HA MVA A 16 -0.19 1.73 4.21
HB MVA A 16 -0.88 2.35 2.01
HG11 MVA A 16 0.27 1.60 -0.02
HG12 MVA A 16 1.61 1.04 0.97
HG13 MVA A 16 1.22 2.75 0.91
HG21 MVA A 16 -1.51 0.12 2.82
HG22 MVA A 16 -0.10 -0.56 2.01
HG23 MVA A 16 -1.39 0.19 1.06
N ARG A 17 1.18 -0.15 4.85
CA ARG A 17 1.88 -1.35 5.24
C ARG A 17 1.26 -2.53 4.53
N CYS A 18 2.03 -3.15 3.66
CA CYS A 18 1.52 -4.20 2.81
C CYS A 18 1.78 -5.59 3.39
N ASP A 19 0.75 -6.41 3.35
CA ASP A 19 0.87 -7.81 3.76
C ASP A 19 0.13 -8.67 2.73
N DPR A 20 0.78 -8.93 1.59
CA DPR A 20 0.15 -9.64 0.47
CB DPR A 20 1.25 -9.70 -0.59
CG DPR A 20 2.52 -9.48 0.14
CD DPR A 20 2.17 -8.58 1.30
C DPR A 20 -1.06 -8.88 -0.06
O DPR A 20 -0.95 -7.72 -0.48
HA DPR A 20 -0.15 -10.64 0.75
HB2 DPR A 20 1.22 -10.67 -1.07
HB3 DPR A 20 1.07 -8.93 -1.33
HG2 DPR A 20 2.91 -10.42 0.50
HG3 DPR A 20 3.23 -8.99 -0.51
HD2 DPR A 20 2.81 -8.80 2.14
HD3 DPR A 20 2.26 -7.54 1.01
N PRO A 21 -2.24 -9.51 -0.01
CA PRO A 21 -3.49 -8.87 -0.47
C PRO A 21 -4.07 -7.90 0.57
N ARG A 22 -3.47 -7.89 1.75
CA ARG A 22 -3.96 -7.04 2.83
C ARG A 22 -3.02 -5.85 3.00
N TYR A 23 -3.54 -4.76 3.56
CA TYR A 23 -2.74 -3.56 3.73
C TYR A 23 -3.35 -2.64 4.77
N GLU A 24 -2.50 -1.87 5.43
CA GLU A 24 -2.93 -0.90 6.42
C GLU A 24 -2.47 0.50 6.02
N MVA A 25 -3.36 1.49 5.94
CN MVA A 25 -4.76 1.22 6.35
CA MVA A 25 -2.94 2.83 5.48
CB MVA A 25 -3.73 3.36 4.23
CG1 MVA A 25 -3.83 2.28 3.17
CG2 MVA A 25 -5.10 3.91 4.60
C MVA A 25 -3.02 3.88 6.58
O MVA A 25 -3.87 3.83 7.47
HN1 MVA A 25 -5.26 2.16 6.54
HN2 MVA A 25 -4.77 0.62 7.25
HN3 MVA A 25 -5.28 0.69 5.55
HA MVA A 25 -1.90 2.77 5.18
HB MVA A 25 -3.14 4.16 3.81
HG11 MVA A 25 -4.39 2.67 2.32
HG12 MVA A 25 -4.35 1.42 3.57
HG13 MVA A 25 -2.84 2.00 2.85
HG21 MVA A 25 -5.53 4.39 3.73
HG22 MVA A 25 -5.00 4.63 5.40
HG23 MVA A 25 -5.74 3.10 4.91
N HIS A 26 -2.09 4.82 6.52
CA HIS A 26 -2.05 5.94 7.46
C HIS A 26 -1.75 7.23 6.71
N CYS A 27 -2.77 8.05 6.55
CA CYS A 27 -2.64 9.31 5.84
C CYS A 27 -2.18 10.41 6.78
N NH2 A 28 -2.91 10.62 7.86
HN1 NH2 A 28 -3.71 10.07 7.99
HN2 NH2 A 28 -2.63 11.32 8.48
#